data_1NY3
#
_entry.id   1NY3
#
_cell.length_a   253.049
_cell.length_b   253.049
_cell.length_c   253.049
_cell.angle_alpha   90.00
_cell.angle_beta   90.00
_cell.angle_gamma   90.00
#
_symmetry.space_group_name_H-M   'F 41 3 2'
#
loop_
_entity.id
_entity.type
_entity.pdbx_description
1 polymer 'MAP kinase-activated protein kinase 2'
2 non-polymer "ADENOSINE-5'-DIPHOSPHATE"
#
_entity_poly.entity_id   1
_entity_poly.type   'polypeptide(L)'
_entity_poly.pdbx_seq_one_letter_code
;MLSNSQGQSPPVPFPAPAPPPQPPTPALPHPPAQPPPPPPQQFPQFHVKSGLQIKKNAIIDDYKVTSQVLGLGINGKVLQ
IFNKRTQEKFALKMLQDCPKARREVELHWRASQCPHIVRIVDVYENLYAGRKCLLIVMECLDGGELFSRIQDRGDQAFTE
REASEIMKSIGEAIQYLHSINIAHRDVKPENLLYTSKRPNAILKLTDFGFAKETTSHNSLTTPCYTPYYVAPEVLGPEKY
DKSCDMWSLGVIMYILLCGYPPFYSNHGLAISPGMKTRIRMGQYEFPNPEWSEVSEEVKMLIRNLLKTEPTQRMTITEFM
NHPWIMQSTKVPQTPLHTSRVLKEDKERWEDVKEEMTSALATMRVDYEQIKIKKIEDASNPLLLKRRKKARALEAAALAH
;
_entity_poly.pdbx_strand_id   A
#
# COMPACT_ATOMS: atom_id res chain seq x y z
N PHE A 46 -13.19 5.40 27.05
CA PHE A 46 -14.01 4.76 26.02
C PHE A 46 -13.73 5.34 24.64
N HIS A 47 -12.64 4.85 24.03
CA HIS A 47 -12.28 5.32 22.69
C HIS A 47 -13.11 4.63 21.61
N VAL A 48 -13.87 5.45 20.86
CA VAL A 48 -14.69 4.90 19.79
C VAL A 48 -14.76 5.84 18.59
N LYS A 49 -14.63 5.34 17.37
CA LYS A 49 -14.73 6.22 16.21
C LYS A 49 -16.13 6.00 15.63
N SER A 50 -16.48 6.80 14.63
CA SER A 50 -17.80 6.70 14.01
C SER A 50 -17.89 5.56 13.05
N GLY A 51 -19.10 5.06 12.87
CA GLY A 51 -19.33 3.98 11.92
C GLY A 51 -19.47 4.60 10.54
N LEU A 52 -19.29 3.80 9.49
CA LEU A 52 -19.42 4.32 8.14
C LEU A 52 -20.89 4.63 7.79
N GLN A 53 -21.09 5.69 7.02
CA GLN A 53 -22.43 6.09 6.61
C GLN A 53 -22.49 6.38 5.13
N ILE A 54 -23.34 5.65 4.43
CA ILE A 54 -23.47 5.84 3.00
C ILE A 54 -24.46 6.96 2.69
N LYS A 55 -23.92 8.14 2.44
CA LYS A 55 -24.74 9.29 2.13
C LYS A 55 -25.57 9.12 0.87
N LYS A 56 -26.83 9.56 0.90
CA LYS A 56 -27.69 9.42 -0.27
C LYS A 56 -27.89 10.67 -1.11
N ASN A 57 -27.65 11.85 -0.56
CA ASN A 57 -27.85 13.08 -1.33
C ASN A 57 -26.82 13.21 -2.42
N ALA A 58 -27.18 13.89 -3.51
CA ALA A 58 -26.26 14.04 -4.63
C ALA A 58 -24.92 14.63 -4.20
N ILE A 59 -23.84 13.90 -4.44
CA ILE A 59 -22.50 14.36 -4.08
C ILE A 59 -22.23 15.81 -4.57
N ILE A 60 -22.96 16.24 -5.58
CA ILE A 60 -22.72 17.53 -6.21
C ILE A 60 -23.00 18.68 -5.24
N ASP A 61 -23.97 18.42 -4.34
CA ASP A 61 -24.37 19.46 -3.39
C ASP A 61 -23.27 19.76 -2.36
N ASP A 62 -22.59 18.67 -1.93
CA ASP A 62 -21.54 18.85 -0.93
C ASP A 62 -20.17 19.07 -1.58
N TYR A 63 -20.03 18.54 -2.80
CA TYR A 63 -18.74 18.63 -3.47
C TYR A 63 -18.84 19.32 -4.84
N LYS A 64 -17.66 19.61 -5.40
CA LYS A 64 -17.63 20.18 -6.75
C LYS A 64 -16.63 19.43 -7.63
N VAL A 65 -17.31 18.69 -8.49
CA VAL A 65 -16.63 17.67 -9.27
C VAL A 65 -16.06 18.33 -10.52
N THR A 66 -14.81 18.04 -10.83
CA THR A 66 -14.17 18.62 -12.00
C THR A 66 -13.80 17.59 -13.04
N SER A 67 -13.34 18.06 -14.19
CA SER A 67 -12.93 17.19 -15.27
C SER A 67 -11.50 16.71 -15.15
N GLN A 68 -10.73 17.33 -14.27
CA GLN A 68 -9.35 16.94 -14.09
C GLN A 68 -9.26 15.47 -13.71
N VAL A 69 -8.28 14.79 -14.27
CA VAL A 69 -8.09 13.37 -14.00
C VAL A 69 -6.83 13.11 -13.18
N LEU A 70 -7.03 12.75 -11.91
CA LEU A 70 -5.92 12.47 -11.02
C LEU A 70 -5.20 11.22 -11.53
N GLY A 71 -5.93 10.40 -12.30
CA GLY A 71 -5.32 9.18 -12.83
C GLY A 71 -6.34 8.19 -13.34
N LEU A 72 -5.87 7.13 -14.01
CA LEU A 72 -6.77 6.10 -14.53
C LEU A 72 -6.51 4.72 -13.95
N GLY A 73 -7.48 3.83 -14.13
CA GLY A 73 -7.35 2.49 -13.61
C GLY A 73 -8.56 1.60 -13.82
N ILE A 74 -8.52 0.42 -13.20
CA ILE A 74 -9.59 -0.56 -13.30
C ILE A 74 -11.01 -0.01 -13.33
N ASN A 75 -11.37 0.77 -12.33
CA ASN A 75 -12.71 1.33 -12.28
C ASN A 75 -12.90 2.56 -13.15
N GLY A 76 -11.82 3.03 -13.76
CA GLY A 76 -11.93 4.18 -14.61
C GLY A 76 -11.10 5.36 -14.15
N LYS A 77 -11.61 6.55 -14.43
CA LYS A 77 -10.92 7.77 -14.07
C LYS A 77 -11.19 8.19 -12.63
N VAL A 78 -10.14 8.56 -11.93
CA VAL A 78 -10.27 9.04 -10.57
C VAL A 78 -10.19 10.54 -10.70
N LEU A 79 -11.35 11.20 -10.65
CA LEU A 79 -11.42 12.65 -10.79
C LEU A 79 -11.05 13.43 -9.54
N GLN A 80 -10.57 14.66 -9.76
CA GLN A 80 -10.25 15.56 -8.67
C GLN A 80 -11.49 16.37 -8.38
N ILE A 81 -11.83 16.50 -7.10
CA ILE A 81 -13.00 17.26 -6.72
C ILE A 81 -12.66 18.25 -5.63
N PHE A 82 -13.58 19.19 -5.42
CA PHE A 82 -13.41 20.22 -4.41
C PHE A 82 -14.58 20.26 -3.47
N ASN A 83 -14.27 20.44 -2.19
CA ASN A 83 -15.31 20.55 -1.20
C ASN A 83 -15.74 22.00 -1.09
N LYS A 84 -16.96 22.29 -1.53
CA LYS A 84 -17.50 23.64 -1.50
C LYS A 84 -17.22 24.44 -0.23
N ARG A 85 -17.80 23.99 0.87
CA ARG A 85 -17.66 24.67 2.16
C ARG A 85 -16.27 24.79 2.75
N THR A 86 -15.30 24.05 2.22
CA THR A 86 -13.95 24.12 2.77
C THR A 86 -12.95 24.40 1.67
N GLN A 87 -13.39 24.11 0.46
CA GLN A 87 -12.58 24.33 -0.72
C GLN A 87 -11.28 23.51 -0.81
N GLU A 88 -11.25 22.34 -0.18
CA GLU A 88 -10.05 21.51 -0.26
C GLU A 88 -10.20 20.49 -1.38
N LYS A 89 -9.07 20.09 -1.96
CA LYS A 89 -9.08 19.12 -3.06
C LYS A 89 -9.23 17.69 -2.56
N PHE A 90 -9.92 16.86 -3.33
CA PHE A 90 -10.12 15.47 -2.96
C PHE A 90 -10.21 14.58 -4.19
N ALA A 91 -9.91 13.31 -4.00
CA ALA A 91 -9.99 12.31 -5.07
C ALA A 91 -11.36 11.66 -5.01
N LEU A 92 -11.93 11.42 -6.18
CA LEU A 92 -13.24 10.79 -6.28
C LEU A 92 -13.15 9.50 -7.08
N LYS A 93 -13.58 8.39 -6.50
CA LYS A 93 -13.65 7.06 -7.09
C LYS A 93 -15.11 6.59 -7.24
N MET A 94 -15.41 6.06 -8.45
CA MET A 94 -16.78 5.63 -8.71
C MET A 94 -16.86 4.11 -8.91
N LEU A 95 -17.66 3.46 -8.03
CA LEU A 95 -17.82 2.02 -8.14
C LEU A 95 -19.26 1.65 -8.54
N GLN A 96 -19.57 0.56 -9.22
CA GLN A 96 -20.96 0.19 -9.39
C GLN A 96 -21.39 -0.34 -8.03
N ASP A 97 -22.54 0.11 -7.56
CA ASP A 97 -23.01 -0.36 -6.28
C ASP A 97 -23.42 -1.82 -6.38
N CYS A 98 -22.79 -2.66 -5.58
CA CYS A 98 -23.04 -4.09 -5.58
C CYS A 98 -22.33 -4.61 -4.35
N PRO A 99 -22.82 -5.72 -3.79
CA PRO A 99 -22.24 -6.34 -2.59
C PRO A 99 -20.72 -6.34 -2.49
N LYS A 100 -20.02 -6.77 -3.53
CA LYS A 100 -18.57 -6.83 -3.47
C LYS A 100 -17.97 -5.47 -3.22
N ALA A 101 -18.53 -4.47 -3.88
CA ALA A 101 -18.07 -3.10 -3.77
C ALA A 101 -18.24 -2.58 -2.34
N ARG A 102 -19.44 -2.67 -1.78
CA ARG A 102 -19.67 -2.21 -0.42
C ARG A 102 -18.73 -2.88 0.57
N ARG A 103 -18.22 -4.06 0.23
CA ARG A 103 -17.31 -4.76 1.12
C ARG A 103 -15.97 -4.08 1.10
N GLU A 104 -15.48 -3.84 -0.10
CA GLU A 104 -14.21 -3.16 -0.31
C GLU A 104 -14.21 -1.87 0.50
N VAL A 105 -15.12 -0.99 0.15
CA VAL A 105 -15.30 0.32 0.78
C VAL A 105 -15.25 0.23 2.31
N GLU A 106 -15.99 -0.72 2.87
CA GLU A 106 -16.00 -0.89 4.30
C GLU A 106 -14.58 -1.18 4.78
N LEU A 107 -13.94 -2.18 4.16
CA LEU A 107 -12.60 -2.54 4.57
C LEU A 107 -11.67 -1.34 4.60
N HIS A 108 -11.71 -0.56 3.54
CA HIS A 108 -10.86 0.62 3.43
C HIS A 108 -11.28 1.67 4.46
N TRP A 109 -12.58 1.85 4.62
CA TRP A 109 -13.00 2.84 5.60
C TRP A 109 -12.59 2.43 7.01
N ARG A 110 -12.60 1.10 7.23
CA ARG A 110 -12.23 0.58 8.54
C ARG A 110 -10.71 0.63 8.76
N ALA A 111 -9.99 0.95 7.68
CA ALA A 111 -8.53 0.98 7.76
C ALA A 111 -7.97 2.39 7.55
N SER A 112 -8.89 3.35 7.34
CA SER A 112 -8.45 4.72 7.11
C SER A 112 -7.93 5.37 8.39
N GLN A 113 -8.17 4.74 9.53
CA GLN A 113 -7.69 5.28 10.78
C GLN A 113 -6.18 5.09 10.88
N CYS A 114 -5.58 4.44 9.89
CA CYS A 114 -4.14 4.21 9.88
C CYS A 114 -3.38 5.24 9.05
N PRO A 115 -2.54 6.03 9.70
CA PRO A 115 -1.72 7.09 9.13
C PRO A 115 -1.23 6.86 7.70
N HIS A 116 -0.69 5.67 7.44
CA HIS A 116 -0.14 5.39 6.12
C HIS A 116 -1.06 4.80 5.07
N ILE A 117 -2.37 4.80 5.36
CA ILE A 117 -3.35 4.30 4.42
C ILE A 117 -4.13 5.53 4.00
N VAL A 118 -4.39 5.66 2.70
CA VAL A 118 -5.14 6.81 2.22
C VAL A 118 -6.50 6.81 2.93
N ARG A 119 -6.94 7.97 3.41
CA ARG A 119 -8.19 8.08 4.16
C ARG A 119 -9.43 8.36 3.35
N ILE A 120 -10.51 7.69 3.71
CA ILE A 120 -11.79 7.90 3.04
C ILE A 120 -12.53 8.94 3.86
N VAL A 121 -12.75 10.13 3.28
CA VAL A 121 -13.46 11.20 3.97
C VAL A 121 -14.97 10.91 4.06
N ASP A 122 -15.57 10.54 2.92
CA ASP A 122 -16.92 9.96 3.01
C ASP A 122 -17.38 9.34 1.67
N VAL A 123 -18.44 8.53 1.79
CA VAL A 123 -18.91 7.74 0.66
C VAL A 123 -20.39 8.03 0.37
N TYR A 124 -20.68 8.04 -0.94
CA TYR A 124 -22.03 8.32 -1.42
C TYR A 124 -22.61 7.18 -2.25
N GLU A 125 -23.93 7.05 -2.18
CA GLU A 125 -24.64 6.06 -2.97
C GLU A 125 -25.63 6.89 -3.77
N ASN A 126 -25.18 7.37 -4.93
CA ASN A 126 -26.05 8.18 -5.78
C ASN A 126 -26.54 7.38 -6.96
N LEU A 127 -27.39 7.99 -7.76
CA LEU A 127 -27.94 7.33 -8.95
C LEU A 127 -27.22 7.90 -10.16
N TYR A 128 -26.38 7.09 -10.78
CA TYR A 128 -25.64 7.54 -11.95
C TYR A 128 -25.98 6.72 -13.19
N ALA A 129 -26.64 7.35 -14.15
CA ALA A 129 -27.02 6.70 -15.41
C ALA A 129 -28.02 5.59 -15.15
N GLY A 130 -29.07 5.90 -14.38
CA GLY A 130 -30.05 4.88 -14.04
C GLY A 130 -29.36 3.76 -13.27
N ARG A 131 -28.04 3.86 -13.17
CA ARG A 131 -27.24 2.87 -12.45
C ARG A 131 -26.94 3.37 -11.05
N LYS A 132 -27.20 2.51 -10.07
CA LYS A 132 -26.95 2.80 -8.67
C LYS A 132 -25.43 2.70 -8.44
N CYS A 133 -24.78 3.82 -8.14
CA CYS A 133 -23.34 3.82 -7.94
C CYS A 133 -22.85 4.12 -6.53
N LEU A 134 -21.56 3.89 -6.32
CA LEU A 134 -20.94 4.13 -5.03
C LEU A 134 -19.78 5.11 -5.24
N LEU A 135 -20.00 6.34 -4.81
CA LEU A 135 -18.98 7.37 -4.94
C LEU A 135 -18.18 7.42 -3.65
N ILE A 136 -16.85 7.31 -3.79
CA ILE A 136 -15.95 7.33 -2.65
C ILE A 136 -15.04 8.55 -2.69
N VAL A 137 -15.12 9.42 -1.68
CA VAL A 137 -14.20 10.53 -1.59
C VAL A 137 -12.98 10.21 -0.74
N MET A 138 -11.81 10.52 -1.31
CA MET A 138 -10.53 10.20 -0.67
C MET A 138 -9.66 11.44 -0.49
N GLU A 139 -8.91 11.47 0.64
CA GLU A 139 -7.85 12.45 0.68
C GLU A 139 -7.03 12.33 -0.58
N CYS A 140 -6.67 13.50 -1.08
CA CYS A 140 -5.94 13.62 -2.33
C CYS A 140 -4.43 13.59 -2.24
N LEU A 141 -3.83 12.46 -2.62
CA LEU A 141 -2.39 12.34 -2.57
C LEU A 141 -1.78 12.91 -3.86
N ASP A 142 -0.83 13.83 -3.71
CA ASP A 142 -0.20 14.44 -4.89
C ASP A 142 1.27 14.14 -5.13
N GLY A 143 2.04 14.00 -4.06
CA GLY A 143 3.47 13.72 -4.21
C GLY A 143 3.86 12.79 -5.36
N GLY A 144 2.93 11.96 -5.82
CA GLY A 144 3.24 11.06 -6.91
C GLY A 144 3.62 9.67 -6.44
N GLU A 145 3.70 8.72 -7.38
CA GLU A 145 4.04 7.35 -7.06
C GLU A 145 5.41 7.18 -6.41
N LEU A 146 5.52 6.17 -5.56
CA LEU A 146 6.74 5.89 -4.82
C LEU A 146 8.03 6.04 -5.61
N PHE A 147 8.18 5.31 -6.70
CA PHE A 147 9.41 5.37 -7.45
C PHE A 147 9.66 6.69 -8.19
N SER A 148 8.61 7.31 -8.69
CA SER A 148 8.78 8.57 -9.38
C SER A 148 9.55 9.52 -8.48
N ARG A 149 8.93 9.97 -7.40
CA ARG A 149 9.57 10.87 -6.44
C ARG A 149 11.01 10.49 -6.23
N ILE A 150 11.27 9.20 -6.10
CA ILE A 150 12.63 8.74 -5.88
C ILE A 150 13.53 9.15 -7.03
N GLN A 151 13.20 8.74 -8.25
CA GLN A 151 14.05 9.08 -9.37
C GLN A 151 14.16 10.59 -9.55
N ASP A 152 13.06 11.30 -9.38
CA ASP A 152 13.06 12.76 -9.53
C ASP A 152 13.54 13.47 -8.27
N THR A 159 20.05 7.43 0.03
CA THR A 159 20.69 6.87 1.21
C THR A 159 19.96 5.64 1.75
N GLU A 160 20.74 4.60 2.06
CA GLU A 160 20.19 3.37 2.61
C GLU A 160 19.18 3.72 3.70
N ARG A 161 19.52 4.74 4.49
CA ARG A 161 18.67 5.21 5.59
C ARG A 161 17.29 5.66 5.14
N GLU A 162 17.23 6.29 3.98
CA GLU A 162 15.96 6.75 3.44
C GLU A 162 15.14 5.55 2.98
N ALA A 163 15.79 4.64 2.26
CA ALA A 163 15.14 3.43 1.77
C ALA A 163 14.52 2.71 2.95
N SER A 164 15.25 2.67 4.05
CA SER A 164 14.78 2.02 5.26
C SER A 164 13.47 2.68 5.72
N GLU A 165 13.58 3.98 5.99
CA GLU A 165 12.44 4.76 6.45
C GLU A 165 11.23 4.56 5.54
N ILE A 166 11.44 4.48 4.23
CA ILE A 166 10.33 4.26 3.33
C ILE A 166 9.77 2.88 3.64
N MET A 167 10.64 1.87 3.66
CA MET A 167 10.17 0.52 3.93
C MET A 167 9.40 0.48 5.23
N LYS A 168 9.87 1.25 6.20
CA LYS A 168 9.22 1.27 7.49
C LYS A 168 7.77 1.71 7.45
N SER A 169 7.46 2.75 6.70
CA SER A 169 6.07 3.21 6.67
C SER A 169 5.19 2.22 5.90
N ILE A 170 5.72 1.65 4.80
CA ILE A 170 4.95 0.67 4.02
C ILE A 170 4.66 -0.48 4.96
N GLY A 171 5.65 -0.80 5.78
CA GLY A 171 5.50 -1.86 6.74
C GLY A 171 4.30 -1.60 7.62
N GLU A 172 4.25 -0.39 8.16
CA GLU A 172 3.17 0.02 9.04
C GLU A 172 1.81 -0.09 8.35
N ALA A 173 1.73 0.31 7.10
CA ALA A 173 0.47 0.19 6.42
C ALA A 173 0.01 -1.27 6.47
N ILE A 174 0.96 -2.19 6.36
CA ILE A 174 0.65 -3.62 6.38
C ILE A 174 0.40 -4.15 7.78
N GLN A 175 1.23 -3.76 8.74
CA GLN A 175 1.05 -4.22 10.09
C GLN A 175 -0.38 -3.92 10.56
N TYR A 176 -0.85 -2.70 10.31
CA TYR A 176 -2.19 -2.33 10.74
C TYR A 176 -3.25 -3.21 10.07
N LEU A 177 -3.26 -3.21 8.74
CA LEU A 177 -4.19 -4.05 8.00
C LEU A 177 -4.25 -5.43 8.60
N HIS A 178 -3.10 -6.08 8.72
CA HIS A 178 -3.05 -7.44 9.29
C HIS A 178 -3.55 -7.48 10.72
N SER A 179 -3.20 -6.47 11.52
CA SER A 179 -3.66 -6.45 12.90
C SER A 179 -5.18 -6.34 12.95
N ILE A 180 -5.84 -6.16 11.82
CA ILE A 180 -7.29 -6.11 11.85
C ILE A 180 -7.84 -7.12 10.87
N ASN A 181 -7.03 -8.13 10.58
CA ASN A 181 -7.43 -9.21 9.70
C ASN A 181 -7.76 -8.83 8.28
N ILE A 182 -6.92 -8.02 7.66
CA ILE A 182 -7.18 -7.67 6.27
C ILE A 182 -5.89 -7.87 5.48
N ALA A 183 -6.02 -8.41 4.27
CA ALA A 183 -4.91 -8.54 3.34
C ALA A 183 -5.12 -7.67 2.10
N HIS A 184 -4.15 -6.77 1.87
CA HIS A 184 -4.25 -5.88 0.72
C HIS A 184 -4.19 -6.68 -0.59
N ARG A 185 -3.19 -7.58 -0.67
CA ARG A 185 -3.04 -8.39 -1.87
C ARG A 185 -2.92 -7.52 -3.12
N ASP A 186 -2.30 -6.35 -3.06
CA ASP A 186 -2.07 -5.56 -4.24
C ASP A 186 -1.13 -4.43 -3.87
N VAL A 187 -0.16 -4.76 -3.03
CA VAL A 187 0.84 -3.82 -2.56
C VAL A 187 1.96 -3.61 -3.57
N LYS A 188 1.60 -3.03 -4.71
CA LYS A 188 2.57 -2.75 -5.76
C LYS A 188 2.91 -1.29 -5.69
N PRO A 189 4.11 -0.90 -6.16
CA PRO A 189 4.58 0.48 -6.16
C PRO A 189 3.47 1.45 -6.54
N GLU A 190 2.88 1.22 -7.70
CA GLU A 190 1.80 2.03 -8.20
C GLU A 190 0.83 2.50 -7.08
N ASN A 191 0.45 1.60 -6.17
CA ASN A 191 -0.48 1.97 -5.11
C ASN A 191 0.13 2.72 -3.94
N LEU A 192 1.36 3.20 -4.12
CA LEU A 192 2.03 3.94 -3.06
C LEU A 192 2.29 5.37 -3.51
N LEU A 193 1.40 6.28 -3.13
CA LEU A 193 1.49 7.68 -3.53
C LEU A 193 1.94 8.59 -2.39
N TYR A 194 2.58 9.70 -2.74
CA TYR A 194 3.02 10.64 -1.72
C TYR A 194 1.96 11.74 -1.53
N THR A 195 1.78 12.19 -0.31
CA THR A 195 0.79 13.21 -0.02
C THR A 195 1.07 14.50 -0.79
N SER A 196 2.27 15.06 -0.62
CA SER A 196 2.64 16.28 -1.31
C SER A 196 3.98 16.12 -2.03
N LYS A 197 4.41 17.18 -2.71
CA LYS A 197 5.67 17.15 -3.43
C LYS A 197 6.72 17.60 -2.42
N ARG A 198 6.23 18.27 -1.39
CA ARG A 198 7.06 18.79 -0.30
C ARG A 198 8.07 17.70 0.08
N PRO A 199 9.15 18.08 0.80
CA PRO A 199 10.16 17.09 1.19
C PRO A 199 9.75 16.19 2.35
N ASN A 200 8.73 16.61 3.08
CA ASN A 200 8.26 15.85 4.23
C ASN A 200 6.98 15.11 3.91
N ALA A 201 6.60 15.12 2.64
CA ALA A 201 5.39 14.42 2.20
C ALA A 201 5.41 13.06 2.88
N ILE A 202 4.25 12.46 3.09
CA ILE A 202 4.20 11.14 3.71
C ILE A 202 3.69 10.07 2.74
N LEU A 203 4.20 8.85 2.87
CA LEU A 203 3.84 7.75 1.97
C LEU A 203 2.60 7.02 2.44
N LYS A 204 1.68 6.76 1.50
CA LYS A 204 0.43 6.08 1.81
C LYS A 204 0.02 5.03 0.79
N LEU A 205 -0.50 3.92 1.31
CA LEU A 205 -0.94 2.82 0.47
C LEU A 205 -2.39 3.00 0.11
N THR A 206 -2.72 2.66 -1.12
CA THR A 206 -4.11 2.84 -1.54
C THR A 206 -4.60 1.67 -2.38
N ASP A 207 -5.92 1.70 -2.68
CA ASP A 207 -6.50 0.66 -3.51
C ASP A 207 -6.85 -0.60 -2.72
N PHE A 208 -8.16 -0.87 -2.59
CA PHE A 208 -8.59 -2.06 -1.89
C PHE A 208 -9.43 -2.96 -2.80
N GLY A 209 -9.27 -2.76 -4.10
CA GLY A 209 -10.02 -3.55 -5.06
C GLY A 209 -9.85 -5.04 -4.86
N PHE A 210 -8.80 -5.43 -4.13
CA PHE A 210 -8.54 -6.83 -3.84
C PHE A 210 -8.46 -7.08 -2.34
N ALA A 211 -8.69 -6.04 -1.54
CA ALA A 211 -8.65 -6.18 -0.08
C ALA A 211 -9.53 -7.35 0.28
N LYS A 212 -9.15 -8.11 1.30
CA LYS A 212 -9.94 -9.26 1.69
C LYS A 212 -9.82 -9.60 3.18
N GLU A 213 -10.95 -9.88 3.80
CA GLU A 213 -11.09 -10.41 5.16
C GLU A 213 -10.64 -11.87 5.28
N THR A 214 -9.75 -12.11 6.25
CA THR A 214 -9.01 -13.34 6.38
C THR A 214 -9.58 -14.11 7.55
N THR A 215 -10.58 -13.49 8.22
CA THR A 215 -11.13 -14.12 9.41
C THR A 215 -12.66 -14.22 9.45
N SER A 216 -13.11 -15.50 9.53
CA SER A 216 -14.50 -15.88 9.87
C SER A 216 -14.62 -16.20 11.37
N HIS A 217 -15.81 -16.73 11.76
CA HIS A 217 -16.89 -16.92 10.80
C HIS A 217 -17.67 -15.63 10.55
N PRO A 227 -7.64 -17.88 26.39
CA PRO A 227 -6.69 -18.80 27.02
C PRO A 227 -5.27 -18.40 26.64
N TYR A 228 -4.62 -17.68 27.54
CA TYR A 228 -3.27 -17.19 27.31
C TYR A 228 -2.32 -18.23 26.76
N TYR A 229 -2.66 -19.51 26.92
CA TYR A 229 -1.79 -20.61 26.49
C TYR A 229 -2.16 -21.31 25.18
N VAL A 230 -3.20 -20.86 24.49
CA VAL A 230 -3.60 -21.49 23.23
C VAL A 230 -2.81 -20.94 22.04
N ALA A 231 -2.58 -21.78 21.04
CA ALA A 231 -1.84 -21.38 19.86
C ALA A 231 -2.74 -20.74 18.81
N PRO A 232 -2.18 -19.80 18.04
CA PRO A 232 -2.85 -19.04 16.98
C PRO A 232 -3.58 -19.92 15.99
N GLU A 233 -3.07 -21.12 15.79
CA GLU A 233 -3.69 -22.06 14.87
C GLU A 233 -5.08 -22.38 15.39
N VAL A 234 -5.12 -22.86 16.63
CA VAL A 234 -6.37 -23.23 17.28
C VAL A 234 -7.42 -22.12 17.26
N LEU A 235 -6.97 -20.87 17.33
CA LEU A 235 -7.89 -19.75 17.31
C LEU A 235 -8.84 -19.86 16.11
N GLY A 236 -8.47 -20.71 15.16
CA GLY A 236 -9.30 -20.90 14.00
C GLY A 236 -8.52 -20.80 12.71
N PRO A 237 -9.08 -21.33 11.61
CA PRO A 237 -8.47 -21.33 10.28
C PRO A 237 -8.83 -20.07 9.52
N GLU A 238 -7.83 -19.24 9.27
CA GLU A 238 -8.03 -18.00 8.53
C GLU A 238 -7.15 -18.06 7.29
N LYS A 239 -7.75 -18.23 6.12
CA LYS A 239 -6.99 -18.32 4.87
C LYS A 239 -6.76 -16.97 4.20
N TYR A 240 -6.56 -17.01 2.88
CA TYR A 240 -6.30 -15.81 2.08
C TYR A 240 -4.99 -15.17 2.56
N ASP A 241 -4.21 -15.97 3.29
CA ASP A 241 -2.94 -15.55 3.89
C ASP A 241 -2.33 -14.28 3.28
N LYS A 242 -1.96 -13.37 4.16
CA LYS A 242 -1.36 -12.11 3.77
C LYS A 242 0.06 -12.22 3.30
N SER A 243 0.61 -13.43 3.33
CA SER A 243 2.00 -13.65 2.90
C SER A 243 2.41 -12.90 1.64
N CYS A 244 1.55 -12.91 0.63
CA CYS A 244 1.88 -12.20 -0.60
C CYS A 244 2.24 -10.77 -0.23
N ASP A 245 1.50 -10.18 0.72
CA ASP A 245 1.77 -8.82 1.16
C ASP A 245 3.25 -8.69 1.52
N MET A 246 3.77 -9.66 2.28
CA MET A 246 5.17 -9.65 2.69
C MET A 246 6.11 -9.84 1.50
N TRP A 247 5.63 -10.54 0.48
CA TRP A 247 6.43 -10.76 -0.72
C TRP A 247 6.56 -9.43 -1.44
N SER A 248 5.43 -8.77 -1.68
CA SER A 248 5.40 -7.48 -2.35
C SER A 248 6.39 -6.54 -1.71
N LEU A 249 6.53 -6.68 -0.39
CA LEU A 249 7.47 -5.86 0.37
C LEU A 249 8.89 -6.13 -0.10
N GLY A 250 9.28 -7.40 -0.14
CA GLY A 250 10.63 -7.74 -0.59
C GLY A 250 10.92 -7.09 -1.93
N VAL A 251 10.07 -7.37 -2.90
CA VAL A 251 10.21 -6.80 -4.24
C VAL A 251 10.48 -5.31 -4.13
N ILE A 252 9.63 -4.62 -3.40
CA ILE A 252 9.79 -3.18 -3.22
C ILE A 252 11.13 -2.84 -2.59
N MET A 253 11.44 -3.44 -1.44
CA MET A 253 12.71 -3.15 -0.79
C MET A 253 13.87 -3.36 -1.75
N TYR A 254 13.78 -4.42 -2.55
CA TYR A 254 14.83 -4.73 -3.51
C TYR A 254 14.98 -3.51 -4.41
N ILE A 255 13.97 -3.28 -5.24
CA ILE A 255 13.96 -2.17 -6.18
C ILE A 255 14.50 -0.88 -5.60
N LEU A 256 14.05 -0.50 -4.41
CA LEU A 256 14.55 0.72 -3.79
C LEU A 256 16.07 0.78 -3.82
N LEU A 257 16.69 -0.16 -3.12
CA LEU A 257 18.15 -0.24 -3.01
C LEU A 257 19.02 -0.26 -4.29
N CYS A 258 18.47 -0.68 -5.43
CA CYS A 258 19.30 -0.74 -6.64
C CYS A 258 18.71 -0.03 -7.85
N GLY A 259 17.40 0.08 -7.92
CA GLY A 259 16.80 0.75 -9.06
C GLY A 259 16.03 -0.18 -9.99
N TYR A 260 16.19 -1.49 -9.81
CA TYR A 260 15.46 -2.45 -10.64
C TYR A 260 14.93 -3.59 -9.79
N PRO A 261 13.89 -4.28 -10.27
CA PRO A 261 13.24 -5.38 -9.57
C PRO A 261 14.11 -6.63 -9.48
N PRO A 262 13.86 -7.49 -8.48
CA PRO A 262 14.66 -8.70 -8.34
C PRO A 262 14.45 -9.62 -9.53
N PHE A 263 13.21 -10.01 -9.80
CA PHE A 263 12.94 -10.89 -10.92
C PHE A 263 12.74 -10.11 -12.21
N TYR A 264 13.72 -10.24 -13.10
CA TYR A 264 13.73 -9.53 -14.38
C TYR A 264 12.93 -10.22 -15.48
N SER A 265 12.86 -9.58 -16.64
CA SER A 265 12.13 -10.14 -17.77
C SER A 265 13.07 -10.36 -18.95
N GLY A 274 11.12 -16.33 -19.68
CA GLY A 274 10.91 -17.30 -18.61
C GLY A 274 11.01 -16.69 -17.23
N MET A 275 10.33 -15.55 -17.05
CA MET A 275 10.32 -14.85 -15.77
C MET A 275 9.40 -15.54 -14.78
N LYS A 276 8.19 -15.90 -15.21
CA LYS A 276 7.26 -16.57 -14.31
C LYS A 276 7.99 -17.73 -13.65
N THR A 277 9.03 -18.23 -14.31
CA THR A 277 9.82 -19.34 -13.79
C THR A 277 10.80 -18.87 -12.73
N ARG A 278 11.72 -17.99 -13.13
CA ARG A 278 12.74 -17.44 -12.24
C ARG A 278 12.12 -17.12 -10.87
N ILE A 279 10.83 -16.81 -10.90
CA ILE A 279 10.05 -16.49 -9.70
C ILE A 279 9.72 -17.76 -8.93
N ARG A 280 8.99 -18.67 -9.58
CA ARG A 280 8.61 -19.92 -8.95
C ARG A 280 9.88 -20.59 -8.45
N MET A 281 10.92 -20.53 -9.26
CA MET A 281 12.21 -21.11 -8.89
C MET A 281 12.83 -20.28 -7.78
N GLY A 282 12.35 -19.05 -7.67
CA GLY A 282 12.85 -18.13 -6.65
C GLY A 282 14.32 -17.85 -6.87
N GLN A 283 14.71 -17.59 -8.11
CA GLN A 283 16.11 -17.31 -8.39
C GLN A 283 16.43 -15.89 -8.86
N TYR A 284 17.16 -15.16 -8.00
CA TYR A 284 17.54 -13.79 -8.29
C TYR A 284 18.92 -13.59 -7.67
N GLU A 285 19.46 -12.39 -7.82
CA GLU A 285 20.77 -12.08 -7.28
C GLU A 285 20.87 -10.62 -6.87
N PHE A 286 21.93 -10.29 -6.13
CA PHE A 286 22.17 -8.92 -5.69
C PHE A 286 23.43 -8.55 -6.48
N PRO A 287 23.30 -8.38 -7.80
CA PRO A 287 24.36 -8.04 -8.75
C PRO A 287 25.25 -6.87 -8.40
N ASN A 288 26.55 -7.10 -8.52
CA ASN A 288 27.54 -6.07 -8.27
C ASN A 288 27.70 -5.38 -9.62
N PRO A 289 28.09 -4.10 -9.60
CA PRO A 289 28.40 -3.30 -8.41
C PRO A 289 27.21 -3.05 -7.50
N GLU A 290 26.10 -2.59 -8.09
CA GLU A 290 24.86 -2.24 -7.39
C GLU A 290 24.78 -2.60 -5.90
N TRP A 291 24.94 -3.88 -5.59
CA TRP A 291 24.85 -4.38 -4.22
C TRP A 291 26.18 -4.55 -3.49
N SER A 292 27.26 -4.07 -4.09
CA SER A 292 28.59 -4.17 -3.49
C SER A 292 28.70 -3.45 -2.15
N GLU A 293 27.91 -2.40 -1.95
CA GLU A 293 27.95 -1.65 -0.69
C GLU A 293 26.77 -1.96 0.24
N VAL A 294 25.97 -2.96 -0.13
CA VAL A 294 24.82 -3.34 0.68
C VAL A 294 25.14 -4.45 1.68
N SER A 295 24.68 -4.27 2.91
CA SER A 295 24.93 -5.24 3.97
C SER A 295 24.30 -6.60 3.72
N GLU A 296 24.94 -7.63 4.24
CA GLU A 296 24.45 -8.99 4.11
C GLU A 296 23.21 -9.06 5.02
N GLU A 297 23.16 -8.15 5.99
CA GLU A 297 22.04 -8.08 6.93
C GLU A 297 20.83 -7.63 6.11
N VAL A 298 21.01 -6.54 5.37
CA VAL A 298 19.96 -6.04 4.52
C VAL A 298 19.64 -7.11 3.49
N LYS A 299 20.69 -7.78 3.02
CA LYS A 299 20.50 -8.82 2.03
C LYS A 299 19.71 -9.98 2.60
N MET A 300 20.07 -10.37 3.82
CA MET A 300 19.40 -11.46 4.50
C MET A 300 17.91 -11.17 4.69
N LEU A 301 17.57 -9.89 4.90
CA LEU A 301 16.17 -9.47 5.10
C LEU A 301 15.33 -9.63 3.83
N ILE A 302 15.93 -9.32 2.69
CA ILE A 302 15.23 -9.47 1.43
C ILE A 302 14.94 -10.96 1.20
N ARG A 303 15.93 -11.80 1.50
CA ARG A 303 15.80 -13.24 1.33
C ARG A 303 14.63 -13.85 2.13
N ASN A 304 14.47 -13.46 3.39
CA ASN A 304 13.35 -14.00 4.18
C ASN A 304 12.01 -13.45 3.69
N LEU A 305 12.05 -12.39 2.89
CA LEU A 305 10.82 -11.80 2.38
C LEU A 305 10.54 -12.47 1.05
N LEU A 306 11.62 -12.72 0.33
CA LEU A 306 11.55 -13.34 -0.98
C LEU A 306 11.62 -14.86 -0.88
N LYS A 307 11.07 -15.41 0.20
CA LYS A 307 11.02 -16.85 0.36
C LYS A 307 9.93 -17.31 -0.59
N THR A 308 10.22 -18.33 -1.37
CA THR A 308 9.24 -18.86 -2.34
C THR A 308 8.05 -19.50 -1.64
N GLU A 309 8.27 -20.06 -0.46
CA GLU A 309 7.19 -20.71 0.28
C GLU A 309 6.61 -19.74 1.30
N PRO A 310 5.30 -19.47 1.20
CA PRO A 310 4.64 -18.56 2.13
C PRO A 310 5.06 -18.83 3.58
N THR A 311 4.52 -19.90 4.17
CA THR A 311 4.83 -20.26 5.55
C THR A 311 6.30 -20.07 5.96
N GLN A 312 7.20 -20.03 4.99
CA GLN A 312 8.62 -19.84 5.31
C GLN A 312 8.94 -18.35 5.42
N ARG A 313 8.18 -17.56 4.66
CA ARG A 313 8.36 -16.12 4.59
C ARG A 313 8.13 -15.40 5.92
N MET A 314 8.87 -14.30 6.10
CA MET A 314 8.82 -13.46 7.30
C MET A 314 7.44 -12.85 7.54
N THR A 315 7.12 -12.57 8.81
CA THR A 315 5.84 -11.99 9.16
C THR A 315 5.94 -10.48 9.31
N ILE A 316 4.82 -9.79 9.14
CA ILE A 316 4.82 -8.34 9.24
C ILE A 316 5.29 -7.93 10.62
N THR A 317 4.96 -8.72 11.64
CA THR A 317 5.39 -8.39 12.98
C THR A 317 6.88 -8.59 13.08
N GLU A 318 7.39 -9.63 12.44
CA GLU A 318 8.82 -9.88 12.51
C GLU A 318 9.61 -8.85 11.69
N PHE A 319 8.93 -8.25 10.72
CA PHE A 319 9.55 -7.26 9.87
C PHE A 319 9.66 -5.94 10.62
N MET A 320 8.58 -5.51 11.24
CA MET A 320 8.62 -4.26 11.98
C MET A 320 9.63 -4.27 13.11
N ASN A 321 10.08 -5.46 13.51
CA ASN A 321 11.06 -5.53 14.58
C ASN A 321 12.48 -5.68 14.11
N HIS A 322 12.67 -6.12 12.88
CA HIS A 322 14.02 -6.25 12.36
C HIS A 322 14.70 -4.89 12.53
N PRO A 323 15.91 -4.88 13.09
CA PRO A 323 16.74 -3.70 13.34
C PRO A 323 16.75 -2.66 12.24
N TRP A 324 17.13 -3.06 11.03
CA TRP A 324 17.17 -2.13 9.90
C TRP A 324 15.89 -1.29 9.88
N ILE A 325 14.76 -1.96 10.09
CA ILE A 325 13.47 -1.30 10.07
C ILE A 325 13.17 -0.58 11.38
N MET A 326 13.38 -1.25 12.51
CA MET A 326 13.07 -0.63 13.79
C MET A 326 13.97 0.53 14.20
N GLN A 327 15.16 0.63 13.62
CA GLN A 327 16.08 1.71 13.95
C GLN A 327 16.64 2.43 12.72
N SER A 328 15.76 2.98 11.91
CA SER A 328 16.19 3.69 10.70
C SER A 328 17.21 4.76 11.05
N THR A 329 16.85 5.64 11.98
CA THR A 329 17.74 6.71 12.41
C THR A 329 19.20 6.26 12.43
N LYS A 330 19.46 5.08 12.98
CA LYS A 330 20.82 4.56 13.07
C LYS A 330 21.23 3.69 11.89
N VAL A 331 20.83 4.09 10.68
CA VAL A 331 21.19 3.32 9.49
C VAL A 331 21.97 4.19 8.49
N PRO A 332 23.12 3.67 8.04
CA PRO A 332 24.08 4.25 7.09
C PRO A 332 23.46 5.11 6.00
N GLN A 333 23.99 6.32 5.83
CA GLN A 333 23.50 7.24 4.82
C GLN A 333 24.17 6.90 3.50
N THR A 334 24.59 5.64 3.38
CA THR A 334 25.25 5.17 2.17
C THR A 334 24.42 5.44 0.93
N PRO A 335 24.97 6.19 -0.04
CA PRO A 335 24.24 6.49 -1.27
C PRO A 335 23.85 5.23 -2.03
N LEU A 336 22.79 5.34 -2.83
CA LEU A 336 22.32 4.23 -3.65
C LEU A 336 22.20 4.75 -5.08
N HIS A 337 22.53 3.90 -6.05
CA HIS A 337 22.47 4.25 -7.47
C HIS A 337 21.03 4.38 -8.00
N THR A 338 20.07 4.00 -7.15
CA THR A 338 18.65 4.00 -7.49
C THR A 338 18.19 4.94 -8.61
N SER A 339 17.95 6.21 -8.28
CA SER A 339 17.48 7.18 -9.28
C SER A 339 18.08 6.95 -10.67
N ARG A 340 19.41 6.92 -10.74
CA ARG A 340 20.08 6.70 -12.01
C ARG A 340 19.52 5.48 -12.72
N VAL A 341 19.80 4.31 -12.16
CA VAL A 341 19.32 3.07 -12.74
C VAL A 341 17.82 3.21 -12.98
N LEU A 342 17.12 3.64 -11.95
CA LEU A 342 15.68 3.81 -11.99
C LEU A 342 15.26 4.59 -13.22
N LYS A 343 16.10 5.52 -13.65
CA LYS A 343 15.77 6.28 -14.85
C LYS A 343 16.22 5.60 -16.15
N GLU A 344 17.11 4.59 -16.03
CA GLU A 344 17.78 4.06 -17.23
C GLU A 344 16.92 3.11 -18.07
N ASP A 345 16.05 2.34 -17.39
CA ASP A 345 15.10 1.49 -18.13
C ASP A 345 13.70 1.58 -17.54
#